data_5KP6
#
_entry.id   5KP6
#
_cell.length_a   101.312
_cell.length_b   101.312
_cell.length_c   104.593
_cell.angle_alpha   90.000
_cell.angle_beta   90.000
_cell.angle_gamma   120.000
#
_symmetry.space_group_name_H-M   'P 31 2 1'
#
loop_
_entity.id
_entity.type
_entity.pdbx_description
1 polymer CurD
2 polymer CurB
3 water water
#
loop_
_entity_poly.entity_id
_entity_poly.type
_entity_poly.pdbx_seq_one_letter_code
_entity_poly.pdbx_strand_id
1 'polypeptide(L)'
;MHHHHHHSSGVDLGTENLYFQSNAMQQVGIEALSVYGGAAQLELRKLAQARQLDISRFDNLMMKEKAVSLPYEDPVSYAV
NAAKPIIDRLSDADKQRIEMVITCSESGIDFGKSMSTYIQEYLGLSRNCRMFELKQACYSGTAGLQMAINLILSQTFPGA
KALVIATDISRFLVAEGGEAINYDWSFAEPSSGAGAVALLVSDTPHIFQIDVGCNGYYGYEVMDTCRPNPDSEAGDADLS
LLSYLDCCENAYRHYQNRVEGVDYRESFDYLSFHTPFGGMVKGAHRNMMRRLKRAKPAEIEADFQRRVMPGLVYCQQVGN
IMGATLFLSLASTIDNGDFSTPRRIGMFSYGSGCCSEFYSGVVTPEGAAIAAQQGISAQLADRYSLSMEEYEQLLYHSSA
VAFGTRNVTLDYQLFPGVWKKIAGKGRLVLKAIKEFHRKYEWV
;
A
2 'polypeptide(L)'
;MHHHHHHSSGVDLGTENLYFQSNAMSKEQVLKIIKKYTREIAPELEDSPLEPTDSLKKLGIDSVNRAEIIMMVMEDLSLN
IPRIELAGAKNIGELADLFAAK
;
B
#
# COMPACT_ATOMS: atom_id res chain seq x y z
N GLN A 26 -11.29 -12.07 23.85
CA GLN A 26 -10.53 -10.98 24.51
C GLN A 26 -10.45 -9.75 23.59
N GLN A 27 -10.13 -8.58 24.15
CA GLN A 27 -10.03 -7.35 23.37
C GLN A 27 -8.61 -7.09 22.90
N VAL A 28 -8.47 -6.71 21.64
CA VAL A 28 -7.15 -6.48 21.06
C VAL A 28 -7.32 -5.64 19.81
N GLY A 29 -6.29 -4.85 19.51
CA GLY A 29 -6.27 -4.09 18.27
C GLY A 29 -5.34 -2.90 18.37
N ILE A 30 -5.64 -1.87 17.58
CA ILE A 30 -4.75 -0.74 17.45
C ILE A 30 -5.18 0.27 18.50
N GLU A 31 -4.27 0.57 19.42
CA GLU A 31 -4.49 1.57 20.47
C GLU A 31 -4.25 2.95 19.93
N ALA A 32 -3.34 3.09 18.98
CA ALA A 32 -2.94 4.38 18.45
C ALA A 32 -2.28 4.18 17.09
N LEU A 33 -2.49 5.16 16.22
CA LEU A 33 -2.13 5.05 14.82
C LEU A 33 -1.61 6.43 14.43
N SER A 34 -0.45 6.44 13.80
CA SER A 34 0.12 7.70 13.38
C SER A 34 0.91 7.51 12.09
N VAL A 35 0.93 8.55 11.28
CA VAL A 35 1.36 8.48 9.90
C VAL A 35 2.46 9.52 9.64
N TYR A 36 3.45 9.17 8.82
CA TYR A 36 4.32 10.18 8.27
C TYR A 36 4.34 10.04 6.75
N GLY A 37 3.85 11.07 6.07
CA GLY A 37 3.72 11.03 4.61
C GLY A 37 4.73 11.91 3.88
N GLY A 38 5.88 12.11 4.51
CA GLY A 38 7.01 12.76 3.91
C GLY A 38 7.03 14.25 4.17
N ALA A 39 8.11 14.90 3.76
CA ALA A 39 8.26 16.35 3.91
C ALA A 39 8.05 17.04 2.58
N ALA A 40 8.03 16.28 1.51
CA ALA A 40 7.90 16.86 0.19
C ALA A 40 7.05 15.92 -0.67
N GLN A 41 6.44 16.46 -1.71
CA GLN A 41 5.66 15.63 -2.64
C GLN A 41 5.74 16.17 -4.07
N LEU A 42 5.49 15.30 -5.05
CA LEU A 42 5.43 15.73 -6.45
C LEU A 42 4.03 15.53 -6.98
N GLU A 43 3.50 16.58 -7.60
CA GLU A 43 2.19 16.54 -8.24
C GLU A 43 2.38 15.81 -9.55
N LEU A 44 1.67 14.70 -9.74
CA LEU A 44 1.89 13.85 -10.91
C LEU A 44 1.56 14.54 -12.23
N ARG A 45 0.66 15.52 -12.20
CA ARG A 45 0.41 16.37 -13.38
C ARG A 45 1.70 17.01 -13.91
N LYS A 46 2.63 17.36 -13.02
CA LYS A 46 3.89 17.93 -13.48
C LYS A 46 4.74 16.89 -14.18
N LEU A 47 4.72 15.66 -13.68
CA LEU A 47 5.45 14.56 -14.28
C LEU A 47 4.87 14.22 -15.67
N ALA A 48 3.55 14.17 -15.77
CA ALA A 48 2.87 13.94 -17.07
C ALA A 48 3.24 14.98 -18.10
N GLN A 49 3.16 16.26 -17.71
CA GLN A 49 3.56 17.35 -18.57
C GLN A 49 5.01 17.20 -19.02
N ALA A 50 5.93 16.96 -18.08
CA ALA A 50 7.35 16.83 -18.42
C ALA A 50 7.66 15.60 -19.27
N ARG A 51 6.81 14.59 -19.24
CA ARG A 51 7.03 13.37 -20.03
C ARG A 51 6.09 13.27 -21.25
N GLN A 52 5.47 14.38 -21.64
CA GLN A 52 4.62 14.46 -22.84
C GLN A 52 3.33 13.63 -22.81
N LEU A 53 3.05 12.98 -21.69
CA LEU A 53 1.85 12.15 -21.57
C LEU A 53 0.69 13.09 -21.38
N ASP A 54 -0.54 12.65 -21.66
CA ASP A 54 -1.68 13.49 -21.29
C ASP A 54 -1.94 13.25 -19.80
N ILE A 55 -2.45 14.29 -19.14
CA ILE A 55 -2.74 14.22 -17.72
C ILE A 55 -3.75 13.08 -17.50
N SER A 56 -4.75 13.03 -18.35
CA SER A 56 -5.86 12.11 -18.16
C SER A 56 -5.46 10.66 -17.81
N ARG A 57 -4.23 10.23 -18.13
CA ARG A 57 -3.83 8.86 -17.80
C ARG A 57 -3.62 8.68 -16.29
N PHE A 58 -2.93 9.61 -15.65
CA PHE A 58 -2.79 9.56 -14.21
C PHE A 58 -4.11 9.84 -13.46
N ASP A 59 -4.91 10.76 -13.98
CA ASP A 59 -6.27 11.02 -13.47
C ASP A 59 -7.09 9.74 -13.59
N ASN A 60 -6.93 9.06 -14.73
CA ASN A 60 -7.60 7.80 -15.01
C ASN A 60 -7.33 6.73 -13.98
N LEU A 61 -6.08 6.70 -13.53
CA LEU A 61 -5.60 5.73 -12.56
C LEU A 61 -5.75 6.20 -11.12
N MET A 62 -6.30 7.40 -10.96
CA MET A 62 -6.61 7.99 -9.67
C MET A 62 -5.39 8.34 -8.86
N MET A 63 -4.32 8.72 -9.56
CA MET A 63 -3.08 9.15 -8.91
C MET A 63 -2.99 10.68 -8.97
N LYS A 64 -2.60 11.30 -7.87
CA LYS A 64 -2.62 12.74 -7.75
C LYS A 64 -1.21 13.26 -7.42
N GLU A 65 -0.69 12.79 -6.29
CA GLU A 65 0.64 13.17 -5.79
C GLU A 65 1.36 11.95 -5.24
N LYS A 66 2.69 12.03 -5.22
CA LYS A 66 3.46 11.09 -4.45
C LYS A 66 4.40 11.81 -3.49
N ALA A 67 4.57 11.21 -2.31
CA ALA A 67 5.51 11.67 -1.33
C ALA A 67 6.87 11.31 -1.84
N VAL A 68 7.86 12.16 -1.57
CA VAL A 68 9.22 11.95 -2.04
C VAL A 68 10.21 12.14 -0.86
N SER A 69 11.05 11.16 -0.67
CA SER A 69 12.03 11.15 0.39
C SER A 69 13.23 11.99 -0.01
N LEU A 70 13.70 12.84 0.91
CA LEU A 70 14.97 13.51 0.73
C LEU A 70 16.18 12.58 0.99
N PRO A 71 17.38 12.98 0.54
CA PRO A 71 18.57 12.14 0.80
C PRO A 71 18.91 12.10 2.28
N TYR A 72 18.50 13.11 3.03
CA TYR A 72 18.69 13.07 4.48
C TYR A 72 17.48 12.45 5.19
N GLU A 73 16.77 11.56 4.51
CA GLU A 73 15.76 10.75 5.14
C GLU A 73 15.92 9.32 4.71
N ASP A 74 15.57 8.39 5.57
CA ASP A 74 15.60 7.00 5.20
C ASP A 74 14.44 6.27 5.88
N PRO A 75 14.34 4.93 5.72
CA PRO A 75 13.20 4.30 6.33
C PRO A 75 13.16 4.40 7.85
N VAL A 76 14.32 4.54 8.49
CA VAL A 76 14.39 4.66 9.94
C VAL A 76 13.80 6.02 10.37
N SER A 77 14.21 7.09 9.71
CA SER A 77 13.76 8.40 10.07
C SER A 77 12.28 8.52 9.77
N TYR A 78 11.83 7.93 8.67
CA TYR A 78 10.42 7.85 8.36
C TYR A 78 9.66 7.14 9.48
N ALA A 79 10.15 5.98 9.90
CA ALA A 79 9.52 5.20 10.94
C ALA A 79 9.44 5.99 12.24
N VAL A 80 10.56 6.61 12.63
CA VAL A 80 10.58 7.38 13.89
C VAL A 80 9.60 8.54 13.84
N ASN A 81 9.53 9.24 12.72
CA ASN A 81 8.63 10.38 12.64
C ASN A 81 7.19 9.91 12.63
N ALA A 82 6.91 8.73 12.10
CA ALA A 82 5.54 8.19 12.18
C ALA A 82 5.17 7.80 13.62
N ALA A 83 6.13 7.20 14.33
CA ALA A 83 5.88 6.69 15.68
C ALA A 83 5.99 7.74 16.80
N LYS A 84 6.74 8.81 16.57
CA LYS A 84 7.01 9.80 17.62
C LYS A 84 5.72 10.34 18.33
N PRO A 85 4.68 10.73 17.58
CA PRO A 85 3.46 11.25 18.25
C PRO A 85 2.80 10.24 19.18
N ILE A 86 2.87 8.95 18.83
CA ILE A 86 2.35 7.91 19.72
C ILE A 86 3.13 7.90 21.05
N ILE A 87 4.45 7.84 20.94
CA ILE A 87 5.28 7.74 22.12
C ILE A 87 5.17 8.99 23.00
N ASP A 88 5.12 10.17 22.38
CA ASP A 88 4.95 11.44 23.08
C ASP A 88 3.70 11.49 23.94
N ARG A 89 2.66 10.74 23.59
CA ARG A 89 1.42 10.76 24.35
C ARG A 89 1.34 9.71 25.44
N LEU A 90 2.26 8.74 25.46
CA LEU A 90 2.27 7.72 26.51
C LEU A 90 2.90 8.22 27.79
N SER A 91 2.35 7.79 28.93
CA SER A 91 3.02 7.94 30.19
C SER A 91 4.33 7.14 30.16
N ASP A 92 5.23 7.43 31.09
CA ASP A 92 6.49 6.70 31.20
C ASP A 92 6.20 5.24 31.36
N ALA A 93 5.24 4.92 32.23
CA ALA A 93 4.86 3.53 32.48
C ALA A 93 4.34 2.83 31.22
N ASP A 94 3.51 3.50 30.43
CA ASP A 94 2.98 2.87 29.20
C ASP A 94 4.04 2.70 28.14
N LYS A 95 4.97 3.64 28.13
CA LYS A 95 6.07 3.58 27.18
C LYS A 95 6.95 2.36 27.47
N GLN A 96 7.27 2.12 28.75
CA GLN A 96 8.01 0.93 29.16
C GLN A 96 7.26 -0.40 28.96
N ARG A 97 5.95 -0.36 28.76
CA ARG A 97 5.21 -1.58 28.43
C ARG A 97 5.37 -2.03 26.98
N ILE A 98 5.88 -1.19 26.12
CA ILE A 98 6.24 -1.60 24.78
C ILE A 98 7.42 -2.58 24.86
N GLU A 99 7.12 -3.85 24.62
CA GLU A 99 8.08 -4.95 24.67
C GLU A 99 8.31 -5.66 23.34
N MET A 100 7.78 -5.12 22.25
CA MET A 100 8.11 -5.61 20.94
C MET A 100 8.03 -4.49 19.95
N VAL A 101 9.10 -4.35 19.14
CA VAL A 101 9.09 -3.43 18.00
C VAL A 101 9.31 -4.24 16.73
N ILE A 102 8.32 -4.23 15.85
CA ILE A 102 8.44 -4.87 14.54
C ILE A 102 8.48 -3.83 13.48
N THR A 103 9.57 -3.80 12.72
CA THR A 103 9.64 -2.95 11.54
C THR A 103 9.30 -3.78 10.31
N CYS A 104 8.40 -3.27 9.48
CA CYS A 104 7.85 -4.01 8.35
C CYS A 104 8.25 -3.21 7.15
N SER A 105 9.07 -3.80 6.31
CA SER A 105 9.66 -3.01 5.21
C SER A 105 10.16 -3.90 4.10
N GLU A 106 10.24 -3.32 2.89
CA GLU A 106 11.00 -3.89 1.84
C GLU A 106 12.11 -2.90 1.41
N SER A 107 12.45 -1.97 2.29
CA SER A 107 13.50 -0.98 2.01
C SER A 107 14.60 -1.09 3.07
N GLY A 108 14.97 -2.31 3.46
CA GLY A 108 15.93 -2.51 4.52
C GLY A 108 17.31 -1.91 4.24
N ILE A 109 18.05 -1.63 5.30
CA ILE A 109 19.39 -1.02 5.17
C ILE A 109 20.52 -1.97 5.52
N ASP A 110 20.18 -3.22 5.86
CA ASP A 110 21.20 -4.17 6.26
C ASP A 110 20.64 -5.58 6.03
N PHE A 111 21.52 -6.54 5.73
CA PHE A 111 21.08 -7.95 5.59
C PHE A 111 20.76 -8.61 6.93
N GLY A 112 21.27 -8.06 8.03
CA GLY A 112 21.04 -8.67 9.34
C GLY A 112 20.49 -7.76 10.41
N LYS A 113 20.96 -6.51 10.45
CA LYS A 113 20.52 -5.57 11.49
C LYS A 113 19.10 -5.04 11.19
N SER A 114 18.16 -5.22 12.10
CA SER A 114 16.85 -4.69 11.88
C SER A 114 16.86 -3.17 12.13
N MET A 115 16.03 -2.48 11.38
CA MET A 115 15.80 -1.08 11.65
C MET A 115 15.22 -0.82 13.04
N SER A 116 14.61 -1.85 13.63
CA SER A 116 14.00 -1.69 14.95
C SER A 116 14.97 -1.22 16.05
N THR A 117 16.25 -1.56 15.91
CA THR A 117 17.26 -1.19 16.90
C THR A 117 17.45 0.28 16.90
N TYR A 118 17.55 0.90 15.73
CA TYR A 118 17.63 2.38 15.65
C TYR A 118 16.37 3.09 16.13
N ILE A 119 15.24 2.49 15.78
CA ILE A 119 13.94 3.06 16.19
C ILE A 119 13.80 3.05 17.70
N GLN A 120 14.15 1.93 18.31
CA GLN A 120 14.12 1.84 19.77
C GLN A 120 15.02 2.90 20.40
N GLU A 121 16.20 3.08 19.82
CA GLU A 121 17.17 4.05 20.37
C GLU A 121 16.59 5.46 20.32
N TYR A 122 16.10 5.88 19.16
CA TYR A 122 15.69 7.26 19.04
C TYR A 122 14.34 7.55 19.64
N LEU A 123 13.50 6.56 19.87
CA LEU A 123 12.27 6.85 20.58
C LEU A 123 12.48 6.67 22.09
N GLY A 124 13.64 6.20 22.53
CA GLY A 124 13.87 5.95 23.96
C GLY A 124 13.08 4.81 24.60
N LEU A 125 12.90 3.69 23.91
CA LEU A 125 12.10 2.60 24.42
C LEU A 125 12.92 1.72 25.37
N SER A 126 12.26 0.83 26.09
CA SER A 126 12.94 -0.05 27.03
C SER A 126 13.94 -0.98 26.33
N ARG A 127 15.01 -1.30 27.04
CA ARG A 127 15.91 -2.30 26.55
C ARG A 127 15.30 -3.71 26.66
N ASN A 128 14.26 -3.87 27.47
CA ASN A 128 13.59 -5.15 27.57
C ASN A 128 12.53 -5.23 26.49
N CYS A 129 12.96 -5.49 25.27
CA CYS A 129 12.12 -5.37 24.11
C CYS A 129 12.64 -6.27 23.01
N ARG A 130 11.79 -7.12 22.47
CA ARG A 130 12.10 -7.89 21.28
C ARG A 130 12.09 -6.95 20.07
N MET A 131 13.10 -7.07 19.22
CA MET A 131 13.24 -6.18 18.07
C MET A 131 13.60 -7.01 16.85
N PHE A 132 12.84 -6.85 15.77
CA PHE A 132 13.18 -7.49 14.50
C PHE A 132 12.43 -6.85 13.38
N GLU A 133 12.76 -7.26 12.16
CA GLU A 133 12.22 -6.64 10.96
C GLU A 133 11.59 -7.77 10.14
N LEU A 134 10.45 -7.50 9.53
CA LEU A 134 9.65 -8.49 8.79
C LEU A 134 9.55 -8.09 7.33
N LYS A 135 9.70 -9.07 6.45
CA LYS A 135 9.72 -8.90 4.99
C LYS A 135 8.73 -9.86 4.34
N GLN A 136 7.87 -9.35 3.45
CA GLN A 136 7.09 -10.14 2.43
C GLN A 136 6.36 -9.11 1.56
N ALA A 137 7.18 -8.34 0.88
CA ALA A 137 6.81 -7.17 0.07
C ALA A 137 5.75 -6.36 0.81
N CYS A 138 4.63 -6.00 0.18
CA CYS A 138 3.65 -5.13 0.85
C CYS A 138 2.75 -5.83 1.87
N TYR A 139 2.86 -7.15 2.00
CA TYR A 139 2.19 -7.87 3.08
C TYR A 139 2.87 -7.69 4.48
N SER A 140 4.04 -7.10 4.52
CA SER A 140 4.86 -7.08 5.73
C SER A 140 4.12 -6.42 6.90
N GLY A 141 3.47 -5.31 6.62
CA GLY A 141 2.72 -4.55 7.63
C GLY A 141 1.66 -5.43 8.29
N THR A 142 0.86 -6.09 7.46
CA THR A 142 -0.20 -6.93 7.99
C THR A 142 0.40 -8.08 8.79
N ALA A 143 1.48 -8.68 8.29
CA ALA A 143 2.11 -9.78 9.02
C ALA A 143 2.57 -9.28 10.39
N GLY A 144 3.21 -8.12 10.44
CA GLY A 144 3.63 -7.52 11.71
C GLY A 144 2.47 -7.28 12.67
N LEU A 145 1.41 -6.67 12.15
CA LEU A 145 0.20 -6.45 12.96
C LEU A 145 -0.35 -7.75 13.54
N GLN A 146 -0.41 -8.78 12.73
CA GLN A 146 -0.96 -10.03 13.21
C GLN A 146 -0.10 -10.66 14.27
N MET A 147 1.22 -10.57 14.13
CA MET A 147 2.12 -11.08 15.17
C MET A 147 1.93 -10.30 16.47
N ALA A 148 1.77 -8.98 16.36
CA ALA A 148 1.50 -8.13 17.52
C ALA A 148 0.18 -8.49 18.22
N ILE A 149 -0.85 -8.69 17.41
CA ILE A 149 -2.15 -9.16 17.92
C ILE A 149 -1.97 -10.46 18.69
N ASN A 150 -1.25 -11.41 18.12
CA ASN A 150 -1.04 -12.69 18.81
C ASN A 150 -0.22 -12.61 20.08
N LEU A 151 0.71 -11.66 20.16
CA LEU A 151 1.42 -11.41 21.43
C LEU A 151 0.42 -11.08 22.55
N ILE A 152 -0.52 -10.17 22.26
CA ILE A 152 -1.49 -9.74 23.25
C ILE A 152 -2.42 -10.90 23.57
N LEU A 153 -2.94 -11.57 22.55
CA LEU A 153 -3.85 -12.70 22.78
C LEU A 153 -3.18 -13.88 23.46
N SER A 154 -1.86 -14.05 23.28
CA SER A 154 -1.16 -15.14 23.94
C SER A 154 -1.25 -15.04 25.46
N GLN A 155 -1.46 -13.84 25.96
CA GLN A 155 -1.37 -13.56 27.42
C GLN A 155 -0.10 -14.06 28.08
N THR A 156 1.00 -14.09 27.33
CA THR A 156 2.29 -14.44 27.93
C THR A 156 2.78 -13.30 28.82
N PHE A 157 2.48 -12.05 28.47
CA PHE A 157 2.91 -10.89 29.29
C PHE A 157 1.80 -9.86 29.27
N PRO A 158 0.79 -10.06 30.12
CA PRO A 158 -0.33 -9.17 30.22
C PRO A 158 0.14 -7.75 30.47
N GLY A 159 -0.40 -6.80 29.71
CA GLY A 159 -0.02 -5.39 29.83
C GLY A 159 1.03 -4.98 28.80
N ALA A 160 1.76 -5.96 28.22
CA ALA A 160 2.75 -5.64 27.19
C ALA A 160 2.06 -5.07 25.95
N LYS A 161 2.67 -4.02 25.39
CA LYS A 161 2.25 -3.46 24.10
C LYS A 161 3.26 -3.80 23.00
N ALA A 162 2.81 -3.73 21.76
CA ALA A 162 3.70 -3.88 20.62
C ALA A 162 3.62 -2.64 19.74
N LEU A 163 4.77 -2.29 19.20
CA LEU A 163 4.83 -1.16 18.29
C LEU A 163 5.20 -1.76 16.93
N VAL A 164 4.32 -1.56 15.96
CA VAL A 164 4.47 -2.15 14.62
C VAL A 164 4.57 -0.96 13.70
N ILE A 165 5.67 -0.86 12.95
CA ILE A 165 5.84 0.27 12.07
C ILE A 165 6.12 -0.21 10.67
N ALA A 166 5.28 0.15 9.72
CA ALA A 166 5.56 -0.21 8.32
C ALA A 166 6.17 1.01 7.72
N THR A 167 7.33 0.87 7.10
CA THR A 167 8.03 1.99 6.57
C THR A 167 8.67 1.59 5.26
N ASP A 168 8.47 2.40 4.25
CA ASP A 168 9.11 2.17 2.95
C ASP A 168 9.40 3.43 2.16
N ILE A 169 10.50 3.40 1.40
CA ILE A 169 10.84 4.49 0.52
C ILE A 169 11.12 3.92 -0.88
N SER A 170 10.82 4.64 -1.93
CA SER A 170 11.19 4.23 -3.29
C SER A 170 12.36 5.08 -3.81
N ARG A 171 13.57 4.58 -3.58
CA ARG A 171 14.82 5.27 -3.88
C ARG A 171 15.25 4.84 -5.29
N PHE A 172 14.88 5.65 -6.30
CA PHE A 172 15.32 5.45 -7.68
C PHE A 172 16.63 6.16 -8.00
N LEU A 173 17.53 5.43 -8.66
CA LEU A 173 18.88 5.92 -8.98
C LEU A 173 19.11 6.02 -10.49
N ALA A 188 6.40 2.26 -12.56
CA ALA A 188 6.96 2.12 -11.23
C ALA A 188 7.15 3.47 -10.58
N GLU A 189 7.80 4.37 -11.32
CA GLU A 189 8.16 5.70 -10.84
C GLU A 189 7.00 6.60 -10.41
N PRO A 190 5.98 6.77 -11.27
CA PRO A 190 4.88 7.66 -10.88
C PRO A 190 4.05 7.15 -9.71
N SER A 191 3.98 5.84 -9.52
CA SER A 191 3.16 5.28 -8.45
C SER A 191 3.90 5.05 -7.13
N SER A 192 5.22 5.09 -7.12
CA SER A 192 5.93 4.66 -5.94
C SER A 192 6.32 5.85 -5.05
N GLY A 193 5.75 5.88 -3.85
CA GLY A 193 6.01 6.97 -2.93
C GLY A 193 6.92 6.59 -1.77
N ALA A 194 6.77 7.32 -0.68
CA ALA A 194 7.52 7.12 0.54
C ALA A 194 6.57 7.43 1.68
N GLY A 195 6.60 6.61 2.72
CA GLY A 195 5.81 6.84 3.87
C GLY A 195 5.98 5.79 4.94
N ALA A 196 5.45 6.09 6.11
CA ALA A 196 5.43 5.12 7.20
C ALA A 196 4.18 5.29 8.02
N VAL A 197 3.71 4.20 8.61
CA VAL A 197 2.56 4.22 9.51
C VAL A 197 2.92 3.37 10.69
N ALA A 198 2.78 3.94 11.87
CA ALA A 198 3.12 3.29 13.14
C ALA A 198 1.83 2.92 13.84
N LEU A 199 1.76 1.66 14.30
CA LEU A 199 0.64 1.11 15.07
C LEU A 199 1.08 0.69 16.45
N LEU A 200 0.41 1.19 17.48
CA LEU A 200 0.58 0.68 18.81
C LEU A 200 -0.52 -0.32 19.03
N VAL A 201 -0.14 -1.51 19.43
CA VAL A 201 -1.08 -2.61 19.54
C VAL A 201 -1.12 -3.08 20.98
N SER A 202 -2.33 -3.23 21.50
CA SER A 202 -2.53 -3.54 22.92
C SER A 202 -3.89 -4.15 23.16
N ASP A 203 -4.16 -4.45 24.44
CA ASP A 203 -5.49 -4.89 24.84
C ASP A 203 -6.46 -3.75 25.12
N THR A 204 -6.10 -2.50 24.84
CA THR A 204 -7.09 -1.39 24.87
C THR A 204 -7.09 -0.69 23.51
N PRO A 205 -7.81 -1.28 22.55
CA PRO A 205 -7.74 -0.82 21.16
C PRO A 205 -8.64 0.38 20.92
N HIS A 206 -8.23 1.55 21.37
CA HIS A 206 -8.97 2.78 21.21
C HIS A 206 -9.30 3.11 19.76
N ILE A 207 -8.48 2.69 18.80
CA ILE A 207 -8.69 3.08 17.42
C ILE A 207 -9.37 1.99 16.59
N PHE A 208 -8.84 0.78 16.62
CA PHE A 208 -9.37 -0.27 15.76
C PHE A 208 -9.45 -1.52 16.55
N GLN A 209 -10.67 -1.97 16.82
CA GLN A 209 -10.86 -3.20 17.57
C GLN A 209 -10.91 -4.37 16.56
N ILE A 210 -9.96 -5.30 16.68
CA ILE A 210 -9.85 -6.42 15.75
C ILE A 210 -10.97 -7.41 15.95
N ASP A 211 -11.51 -7.97 14.86
CA ASP A 211 -12.40 -9.15 14.91
C ASP A 211 -11.49 -10.37 15.03
N VAL A 212 -11.32 -10.85 16.25
CA VAL A 212 -10.36 -11.91 16.55
C VAL A 212 -10.68 -13.23 15.82
N GLY A 213 -9.68 -13.83 15.19
CA GLY A 213 -9.88 -15.06 14.42
C GLY A 213 -10.59 -14.86 13.08
N CYS A 214 -10.96 -13.63 12.74
CA CYS A 214 -11.64 -13.40 11.47
C CYS A 214 -10.60 -13.04 10.45
N ASN A 215 -10.00 -14.09 9.88
CA ASN A 215 -8.88 -13.94 9.03
C ASN A 215 -8.95 -14.95 7.91
N GLY A 216 -8.73 -14.49 6.68
CA GLY A 216 -8.47 -15.38 5.55
C GLY A 216 -7.13 -15.00 4.93
N TYR A 217 -6.36 -15.97 4.47
CA TYR A 217 -5.09 -15.71 3.82
C TYR A 217 -4.78 -16.67 2.71
N TYR A 218 -3.95 -16.20 1.78
CA TYR A 218 -3.69 -16.96 0.59
C TYR A 218 -2.39 -16.48 -0.04
N GLY A 219 -1.57 -17.43 -0.45
CA GLY A 219 -0.29 -17.10 -1.08
C GLY A 219 0.29 -18.26 -1.84
N TYR A 220 1.21 -17.97 -2.74
CA TYR A 220 1.89 -18.98 -3.54
C TYR A 220 3.08 -18.28 -4.17
N GLU A 221 4.06 -19.04 -4.66
CA GLU A 221 5.26 -18.40 -5.25
C GLU A 221 4.89 -17.91 -6.67
N VAL A 222 5.19 -16.64 -6.95
CA VAL A 222 4.86 -16.03 -8.25
C VAL A 222 5.82 -14.88 -8.43
N MET A 223 6.33 -14.72 -9.65
CA MET A 223 7.31 -13.69 -9.95
C MET A 223 6.61 -12.45 -10.48
N ASP A 224 5.68 -11.89 -9.70
CA ASP A 224 4.95 -10.75 -10.23
C ASP A 224 5.75 -9.48 -10.08
N THR A 225 6.33 -9.29 -8.91
CA THR A 225 7.24 -8.18 -8.67
C THR A 225 8.23 -8.69 -7.63
N CYS A 226 9.50 -8.29 -7.75
CA CYS A 226 10.46 -8.60 -6.70
C CYS A 226 11.51 -7.47 -6.71
N ARG A 227 12.41 -7.52 -5.73
CA ARG A 227 13.45 -6.50 -5.55
C ARG A 227 14.77 -7.21 -5.38
N PRO A 228 15.30 -7.76 -6.49
CA PRO A 228 16.44 -8.67 -6.44
C PRO A 228 17.77 -7.95 -6.33
N ASN A 229 17.74 -6.63 -6.47
CA ASN A 229 18.88 -5.76 -6.27
C ASN A 229 18.51 -4.56 -5.40
N PRO A 230 19.51 -3.96 -4.73
CA PRO A 230 19.24 -2.75 -3.96
C PRO A 230 18.68 -1.62 -4.84
N ASP A 231 17.82 -0.78 -4.27
CA ASP A 231 17.40 0.47 -4.93
C ASP A 231 16.82 0.16 -6.33
N SER A 232 16.07 -0.93 -6.40
CA SER A 232 15.60 -1.46 -7.67
C SER A 232 14.32 -2.30 -7.51
N GLU A 233 13.68 -2.59 -8.64
CA GLU A 233 12.50 -3.45 -8.66
C GLU A 233 12.31 -4.09 -10.04
N ALA A 234 11.98 -5.38 -10.08
CA ALA A 234 11.70 -6.08 -11.32
C ALA A 234 10.34 -6.73 -11.26
N GLY A 235 9.66 -6.80 -12.40
CA GLY A 235 8.40 -7.53 -12.45
C GLY A 235 7.51 -7.14 -13.61
N ASP A 236 6.28 -7.66 -13.57
CA ASP A 236 5.34 -7.51 -14.65
C ASP A 236 4.01 -6.94 -14.14
N ALA A 237 3.62 -5.80 -14.68
CA ALA A 237 2.42 -5.07 -14.27
C ALA A 237 1.20 -5.96 -14.37
N ASP A 238 1.05 -6.63 -15.50
CA ASP A 238 -0.13 -7.45 -15.75
C ASP A 238 -0.22 -8.64 -14.79
N LEU A 239 0.89 -9.38 -14.64
CA LEU A 239 0.92 -10.53 -13.78
C LEU A 239 0.63 -10.09 -12.36
N SER A 240 1.15 -8.92 -11.97
CA SER A 240 0.96 -8.41 -10.65
C SER A 240 -0.49 -8.06 -10.39
N LEU A 241 -1.14 -7.48 -11.37
CA LEU A 241 -2.53 -7.15 -11.20
C LEU A 241 -3.40 -8.42 -11.11
N LEU A 242 -3.16 -9.38 -12.01
CA LEU A 242 -3.96 -10.60 -12.05
C LEU A 242 -3.77 -11.40 -10.75
N SER A 243 -2.55 -11.42 -10.21
CA SER A 243 -2.27 -12.10 -8.94
C SER A 243 -2.98 -11.41 -7.77
N TYR A 244 -2.94 -10.08 -7.75
CA TYR A 244 -3.66 -9.31 -6.73
C TYR A 244 -5.17 -9.72 -6.70
N LEU A 245 -5.77 -9.76 -7.87
CA LEU A 245 -7.20 -10.11 -8.03
C LEU A 245 -7.52 -11.54 -7.64
N ASP A 246 -6.69 -12.48 -8.06
CA ASP A 246 -6.80 -13.86 -7.58
C ASP A 246 -6.74 -13.91 -6.04
N CYS A 247 -5.76 -13.23 -5.45
CA CYS A 247 -5.64 -13.25 -3.98
C CYS A 247 -6.78 -12.53 -3.30
N CYS A 248 -7.24 -11.45 -3.89
CA CYS A 248 -8.32 -10.67 -3.28
C CYS A 248 -9.56 -11.57 -3.15
N GLU A 249 -9.85 -12.33 -4.19
CA GLU A 249 -10.96 -13.30 -4.14
C GLU A 249 -10.67 -14.46 -3.17
N ASN A 250 -9.50 -15.08 -3.27
CA ASN A 250 -9.26 -16.30 -2.46
C ASN A 250 -9.07 -16.02 -0.98
N ALA A 251 -8.40 -14.93 -0.64
CA ALA A 251 -8.22 -14.62 0.78
C ALA A 251 -9.60 -14.35 1.39
N TYR A 252 -10.45 -13.63 0.67
CA TYR A 252 -11.79 -13.35 1.18
C TYR A 252 -12.59 -14.64 1.28
N ARG A 253 -12.47 -15.52 0.30
CA ARG A 253 -13.22 -16.78 0.37
C ARG A 253 -12.82 -17.54 1.62
N HIS A 254 -11.52 -17.52 1.97
CA HIS A 254 -11.05 -18.22 3.19
C HIS A 254 -11.65 -17.56 4.45
N TYR A 255 -11.69 -16.23 4.48
CA TYR A 255 -12.37 -15.53 5.57
C TYR A 255 -13.84 -15.93 5.62
N GLN A 256 -14.52 -15.95 4.47
CA GLN A 256 -15.95 -16.31 4.43
C GLN A 256 -16.19 -17.72 4.95
N ASN A 257 -15.33 -18.67 4.59
CA ASN A 257 -15.43 -19.99 5.15
C ASN A 257 -15.25 -20.02 6.67
N ARG A 258 -14.52 -19.06 7.23
CA ARG A 258 -14.30 -19.07 8.65
C ARG A 258 -15.31 -18.28 9.43
N VAL A 259 -15.97 -17.32 8.79
CA VAL A 259 -16.85 -16.42 9.49
C VAL A 259 -18.25 -16.62 8.91
N GLU A 260 -19.06 -17.37 9.61
CA GLU A 260 -20.38 -17.72 9.11
C GLU A 260 -21.28 -16.51 8.91
N GLY A 261 -21.96 -16.51 7.77
CA GLY A 261 -22.94 -15.50 7.47
C GLY A 261 -22.38 -14.14 7.10
N VAL A 262 -21.12 -14.02 6.70
CA VAL A 262 -20.63 -12.71 6.29
C VAL A 262 -21.06 -12.43 4.89
N ASP A 263 -21.36 -11.17 4.62
CA ASP A 263 -21.72 -10.75 3.28
C ASP A 263 -20.81 -9.62 2.83
N TYR A 264 -20.28 -9.72 1.62
CA TYR A 264 -19.29 -8.75 1.16
C TYR A 264 -19.83 -7.33 1.11
N ARG A 265 -21.13 -7.15 0.86
CA ARG A 265 -21.71 -5.81 0.94
C ARG A 265 -22.18 -5.46 2.36
N GLU A 266 -22.98 -6.31 2.96
CA GLU A 266 -23.69 -5.97 4.21
C GLU A 266 -22.86 -5.97 5.46
N SER A 267 -21.80 -6.76 5.51
CA SER A 267 -21.02 -6.89 6.74
C SER A 267 -19.93 -5.83 6.89
N PHE A 268 -19.59 -5.13 5.81
CA PHE A 268 -18.52 -4.16 5.88
C PHE A 268 -19.05 -2.80 5.44
N ASP A 269 -19.01 -1.83 6.36
CA ASP A 269 -19.40 -0.46 6.07
C ASP A 269 -18.40 0.23 5.18
N TYR A 270 -17.11 -0.08 5.39
CA TYR A 270 -16.01 0.38 4.53
C TYR A 270 -15.08 -0.76 4.21
N LEU A 271 -14.32 -0.58 3.13
CA LEU A 271 -13.30 -1.50 2.73
C LEU A 271 -12.02 -0.74 2.45
N SER A 272 -10.93 -1.22 3.03
CA SER A 272 -9.63 -0.66 2.76
C SER A 272 -8.76 -1.74 2.13
N PHE A 273 -7.90 -1.34 1.19
CA PHE A 273 -7.10 -2.23 0.39
C PHE A 273 -5.67 -1.73 0.34
N HIS A 274 -4.75 -2.67 0.13
CA HIS A 274 -3.44 -2.34 -0.30
C HIS A 274 -3.67 -1.67 -1.66
N THR A 275 -3.10 -0.47 -1.81
CA THR A 275 -3.43 0.44 -2.91
C THR A 275 -2.17 0.86 -3.67
N PRO A 276 -1.78 0.08 -4.68
CA PRO A 276 -0.68 0.52 -5.50
C PRO A 276 -1.04 1.81 -6.27
N PHE A 277 -2.29 1.89 -6.69
CA PHE A 277 -2.92 3.13 -7.16
C PHE A 277 -4.46 2.88 -7.13
N GLY A 278 -5.24 3.94 -7.01
CA GLY A 278 -6.68 3.85 -6.81
C GLY A 278 -7.40 3.11 -7.91
N GLY A 279 -7.03 3.35 -9.17
CA GLY A 279 -7.74 2.73 -10.30
C GLY A 279 -7.76 1.22 -10.24
N MET A 280 -6.68 0.65 -9.74
CA MET A 280 -6.59 -0.79 -9.55
C MET A 280 -7.46 -1.33 -8.41
N VAL A 281 -7.56 -0.56 -7.34
CA VAL A 281 -8.47 -0.93 -6.25
C VAL A 281 -9.93 -0.84 -6.74
N LYS A 282 -10.26 0.16 -7.55
CA LYS A 282 -11.59 0.26 -8.15
C LYS A 282 -11.89 -0.96 -9.00
N GLY A 283 -10.90 -1.43 -9.75
CA GLY A 283 -11.06 -2.67 -10.55
C GLY A 283 -11.22 -3.91 -9.69
N ALA A 284 -10.43 -4.01 -8.62
CA ALA A 284 -10.57 -5.17 -7.74
C ALA A 284 -11.97 -5.18 -7.09
N HIS A 285 -12.37 -4.05 -6.54
CA HIS A 285 -13.67 -3.96 -5.89
C HIS A 285 -14.79 -4.30 -6.89
N ARG A 286 -14.67 -3.78 -8.10
CA ARG A 286 -15.63 -4.11 -9.15
C ARG A 286 -15.71 -5.61 -9.40
N ASN A 287 -14.56 -6.26 -9.49
CA ASN A 287 -14.53 -7.69 -9.69
C ASN A 287 -15.18 -8.44 -8.51
N MET A 288 -14.92 -8.00 -7.29
CA MET A 288 -15.49 -8.66 -6.12
C MET A 288 -17.01 -8.52 -6.12
N MET A 289 -17.49 -7.32 -6.34
CA MET A 289 -18.95 -7.06 -6.35
C MET A 289 -19.68 -7.83 -7.46
N ARG A 290 -19.05 -7.90 -8.61
CA ARG A 290 -19.60 -8.63 -9.75
C ARG A 290 -19.72 -10.12 -9.38
N ARG A 291 -18.67 -10.70 -8.82
CA ARG A 291 -18.64 -12.13 -8.51
C ARG A 291 -19.47 -12.48 -7.31
N LEU A 292 -19.27 -11.78 -6.20
CA LEU A 292 -19.97 -12.14 -4.97
C LEU A 292 -21.43 -11.69 -4.88
N LYS A 293 -21.78 -10.59 -5.54
CA LYS A 293 -23.11 -10.04 -5.35
C LYS A 293 -23.88 -9.89 -6.64
N ARG A 294 -23.28 -10.25 -7.77
CA ARG A 294 -23.86 -10.03 -9.09
C ARG A 294 -24.38 -8.61 -9.29
N ALA A 295 -23.66 -7.60 -8.79
CA ALA A 295 -24.18 -6.25 -8.84
C ALA A 295 -24.04 -5.70 -10.26
N LYS A 296 -24.94 -4.82 -10.64
CA LYS A 296 -24.87 -4.11 -11.91
C LYS A 296 -23.87 -2.95 -11.83
N PRO A 297 -23.37 -2.45 -12.98
CA PRO A 297 -22.32 -1.43 -12.96
C PRO A 297 -22.63 -0.16 -12.16
N ALA A 298 -23.86 0.35 -12.25
CA ALA A 298 -24.18 1.61 -11.55
C ALA A 298 -24.12 1.39 -10.05
N GLU A 299 -24.68 0.29 -9.58
CA GLU A 299 -24.65 0.01 -8.15
C GLU A 299 -23.23 -0.27 -7.62
N ILE A 300 -22.41 -0.91 -8.45
CA ILE A 300 -21.00 -1.12 -8.09
C ILE A 300 -20.27 0.21 -7.87
N GLU A 301 -20.52 1.15 -8.77
CA GLU A 301 -19.87 2.44 -8.70
C GLU A 301 -20.33 3.25 -7.50
N ALA A 302 -21.63 3.21 -7.21
CA ALA A 302 -22.14 3.81 -5.99
C ALA A 302 -21.53 3.17 -4.75
N ASP A 303 -21.37 1.86 -4.77
CA ASP A 303 -20.82 1.13 -3.64
C ASP A 303 -19.32 1.47 -3.47
N PHE A 304 -18.63 1.61 -4.59
CA PHE A 304 -17.25 2.06 -4.62
C PHE A 304 -17.08 3.43 -3.96
N GLN A 305 -17.96 4.37 -4.33
CA GLN A 305 -17.82 5.74 -3.82
C GLN A 305 -18.08 5.79 -2.31
N ARG A 306 -19.07 5.03 -1.87
CA ARG A 306 -19.46 4.95 -0.48
C ARG A 306 -18.44 4.21 0.41
N ARG A 307 -17.96 3.05 -0.02
CA ARG A 307 -17.20 2.21 0.88
C ARG A 307 -15.71 2.22 0.63
N VAL A 308 -15.27 2.63 -0.56
CA VAL A 308 -13.87 2.48 -0.92
C VAL A 308 -13.16 3.82 -1.09
N MET A 309 -13.84 4.81 -1.66
CA MET A 309 -13.21 6.10 -1.89
C MET A 309 -12.65 6.74 -0.65
N PRO A 310 -13.32 6.58 0.51
CA PRO A 310 -12.76 7.28 1.71
C PRO A 310 -11.32 6.86 2.05
N GLY A 311 -11.04 5.58 1.90
CA GLY A 311 -9.70 5.04 2.10
C GLY A 311 -8.66 5.45 1.07
N LEU A 312 -9.12 5.90 -0.10
CA LEU A 312 -8.19 6.30 -1.16
C LEU A 312 -7.71 7.74 -1.03
N VAL A 313 -8.41 8.56 -0.25
CA VAL A 313 -8.08 9.99 -0.14
C VAL A 313 -6.60 10.22 0.20
N TYR A 314 -6.09 9.64 1.29
CA TYR A 314 -4.70 9.87 1.66
C TYR A 314 -3.75 9.09 0.75
N CYS A 315 -4.17 7.93 0.25
CA CYS A 315 -3.35 7.13 -0.68
C CYS A 315 -2.96 7.93 -1.91
N GLN A 316 -3.90 8.73 -2.42
CA GLN A 316 -3.67 9.55 -3.60
C GLN A 316 -2.73 10.70 -3.38
N GLN A 317 -2.48 11.02 -2.11
CA GLN A 317 -1.58 12.09 -1.74
C GLN A 317 -0.19 11.59 -1.43
N VAL A 318 -0.02 10.28 -1.25
CA VAL A 318 1.32 9.74 -0.97
C VAL A 318 1.87 8.78 -2.00
N GLY A 319 0.99 8.11 -2.77
CA GLY A 319 1.38 7.08 -3.74
C GLY A 319 1.48 5.74 -3.07
N ASN A 320 2.07 4.75 -3.73
CA ASN A 320 2.21 3.42 -3.13
C ASN A 320 3.33 3.50 -2.07
N ILE A 321 3.01 3.27 -0.79
CA ILE A 321 4.05 3.23 0.22
C ILE A 321 4.28 1.81 0.71
N MET A 322 4.04 0.86 -0.19
CA MET A 322 4.35 -0.54 0.06
C MET A 322 3.62 -1.15 1.25
N GLY A 323 4.33 -1.66 2.25
CA GLY A 323 3.69 -2.36 3.32
C GLY A 323 2.86 -1.49 4.23
N ALA A 324 3.07 -0.18 4.16
CA ALA A 324 2.30 0.75 4.99
C ALA A 324 0.99 1.22 4.33
N THR A 325 0.79 0.88 3.06
CA THR A 325 -0.26 1.51 2.28
C THR A 325 -1.63 1.13 2.80
N LEU A 326 -1.82 -0.13 3.20
CA LEU A 326 -3.12 -0.55 3.73
C LEU A 326 -3.43 0.14 5.07
N PHE A 327 -2.41 0.35 5.88
CA PHE A 327 -2.61 1.10 7.13
C PHE A 327 -2.95 2.55 6.88
N LEU A 328 -2.33 3.14 5.87
CA LEU A 328 -2.69 4.49 5.47
C LEU A 328 -4.15 4.55 4.99
N SER A 329 -4.55 3.59 4.18
CA SER A 329 -5.96 3.50 3.76
C SER A 329 -6.90 3.38 4.95
N LEU A 330 -6.55 2.57 5.94
CA LEU A 330 -7.38 2.48 7.15
C LEU A 330 -7.51 3.86 7.82
N ALA A 331 -6.39 4.52 8.01
CA ALA A 331 -6.38 5.88 8.58
C ALA A 331 -7.26 6.82 7.75
N SER A 332 -7.16 6.69 6.43
CA SER A 332 -7.93 7.54 5.53
C SER A 332 -9.43 7.26 5.58
N THR A 333 -9.78 5.98 5.59
CA THR A 333 -11.15 5.56 5.78
C THR A 333 -11.71 6.16 7.08
N ILE A 334 -10.95 6.05 8.17
CA ILE A 334 -11.40 6.57 9.45
C ILE A 334 -11.64 8.07 9.36
N ASP A 335 -10.69 8.85 8.88
CA ASP A 335 -10.85 10.30 8.81
C ASP A 335 -11.90 10.78 7.81
N ASN A 336 -12.10 10.05 6.72
CA ASN A 336 -12.96 10.58 5.67
C ASN A 336 -14.34 9.93 5.62
N GLY A 337 -14.53 8.81 6.29
CA GLY A 337 -15.83 8.15 6.33
C GLY A 337 -16.69 8.63 7.50
N ASP A 338 -17.87 8.02 7.64
CA ASP A 338 -18.87 8.38 8.63
C ASP A 338 -18.80 7.41 9.81
N PHE A 339 -18.42 7.92 10.97
CA PHE A 339 -18.37 7.09 12.19
C PHE A 339 -19.27 7.65 13.30
N SER A 340 -20.47 8.08 12.91
CA SER A 340 -21.45 8.51 13.92
C SER A 340 -22.04 7.34 14.72
N THR A 341 -21.91 6.13 14.19
CA THR A 341 -22.14 4.89 14.96
C THR A 341 -20.96 3.92 14.68
N PRO A 342 -20.72 2.86 15.50
CA PRO A 342 -19.55 2.03 15.17
C PRO A 342 -19.64 1.40 13.82
N ARG A 343 -18.52 1.25 13.12
CA ARG A 343 -18.52 0.70 11.76
C ARG A 343 -17.51 -0.44 11.68
N ARG A 344 -17.80 -1.40 10.81
CA ARG A 344 -16.85 -2.46 10.55
C ARG A 344 -16.13 -2.19 9.24
N ILE A 345 -14.81 -2.34 9.27
CA ILE A 345 -13.97 -2.15 8.11
C ILE A 345 -13.32 -3.46 7.70
N GLY A 346 -13.49 -3.82 6.44
CA GLY A 346 -12.79 -4.98 5.86
C GLY A 346 -11.46 -4.55 5.28
N MET A 347 -10.43 -5.37 5.50
CA MET A 347 -9.07 -5.00 5.14
C MET A 347 -8.49 -6.05 4.21
N PHE A 348 -7.96 -5.65 3.05
CA PHE A 348 -7.28 -6.59 2.19
C PHE A 348 -5.85 -6.18 1.98
N SER A 349 -4.95 -7.07 2.38
CA SER A 349 -3.53 -6.89 2.25
C SER A 349 -3.00 -7.81 1.16
N TYR A 350 -2.09 -7.30 0.32
CA TYR A 350 -1.40 -8.13 -0.66
C TYR A 350 0.06 -7.76 -0.67
N GLY A 351 0.90 -8.74 -0.90
CA GLY A 351 2.31 -8.51 -1.10
C GLY A 351 2.77 -9.37 -2.26
N SER A 352 3.44 -8.77 -3.22
CA SER A 352 4.04 -9.52 -4.31
C SER A 352 4.89 -10.68 -3.83
N GLY A 353 4.98 -11.73 -4.65
CA GLY A 353 5.81 -12.86 -4.32
C GLY A 353 5.25 -14.25 -4.10
N CYS A 354 4.04 -14.47 -3.57
CA CYS A 354 3.11 -13.48 -3.00
C CYS A 354 2.45 -14.06 -1.71
N CYS A 355 1.81 -13.19 -0.94
CA CYS A 355 0.95 -13.61 0.17
C CYS A 355 -0.11 -12.54 0.40
N SER A 356 -1.24 -12.92 0.98
CA SER A 356 -2.35 -11.99 1.11
C SER A 356 -3.20 -12.37 2.30
N GLU A 357 -3.97 -11.40 2.81
CA GLU A 357 -4.83 -11.62 3.95
C GLU A 357 -6.01 -10.68 3.92
N PHE A 358 -7.18 -11.20 4.25
CA PHE A 358 -8.37 -10.39 4.45
C PHE A 358 -8.72 -10.48 5.92
N TYR A 359 -8.98 -9.35 6.55
CA TYR A 359 -9.31 -9.35 7.95
C TYR A 359 -10.19 -8.16 8.26
N SER A 360 -10.60 -8.00 9.51
CA SER A 360 -11.56 -6.95 9.83
C SER A 360 -11.52 -6.45 11.25
N GLY A 361 -12.12 -5.28 11.44
CA GLY A 361 -12.26 -4.74 12.77
C GLY A 361 -13.28 -3.63 12.83
N VAL A 362 -13.47 -3.08 14.03
CA VAL A 362 -14.49 -2.08 14.26
C VAL A 362 -13.85 -0.79 14.75
N VAL A 363 -14.37 0.33 14.24
CA VAL A 363 -14.03 1.66 14.70
C VAL A 363 -15.29 2.33 15.27
N THR A 364 -15.19 2.90 16.47
CA THR A 364 -16.30 3.57 17.15
C THR A 364 -16.21 5.08 16.90
N PRO A 365 -17.28 5.85 17.21
CA PRO A 365 -17.22 7.31 17.14
C PRO A 365 -16.07 7.90 17.97
N GLU A 366 -15.84 7.35 19.15
CA GLU A 366 -14.75 7.83 19.99
C GLU A 366 -13.38 7.55 19.37
N GLY A 367 -13.20 6.40 18.76
CA GLY A 367 -11.96 6.09 18.09
C GLY A 367 -11.72 7.01 16.90
N ALA A 368 -12.79 7.31 16.16
CA ALA A 368 -12.70 8.23 15.03
C ALA A 368 -12.32 9.61 15.49
N ALA A 369 -12.84 10.04 16.64
CA ALA A 369 -12.46 11.37 17.17
C ALA A 369 -11.00 11.39 17.62
N ILE A 370 -10.53 10.32 18.27
CA ILE A 370 -9.11 10.24 18.61
C ILE A 370 -8.26 10.32 17.32
N ALA A 371 -8.60 9.53 16.31
CA ALA A 371 -7.80 9.53 15.06
C ALA A 371 -7.76 10.92 14.45
N ALA A 372 -8.88 11.65 14.53
CA ALA A 372 -8.96 12.98 13.93
C ALA A 372 -7.96 13.94 14.59
N GLN A 373 -7.66 13.78 15.88
CA GLN A 373 -6.71 14.66 16.56
C GLN A 373 -5.30 14.55 15.97
N GLN A 374 -5.06 13.56 15.11
CA GLN A 374 -3.73 13.40 14.55
C GLN A 374 -3.44 14.43 13.45
N GLY A 375 -4.48 15.01 12.86
CA GLY A 375 -4.27 16.03 11.83
C GLY A 375 -3.52 15.55 10.60
N ILE A 376 -3.82 14.34 10.16
CA ILE A 376 -3.11 13.79 8.99
C ILE A 376 -3.30 14.68 7.78
N SER A 377 -4.52 15.14 7.56
CA SER A 377 -4.81 15.90 6.35
C SER A 377 -3.99 17.19 6.31
N ALA A 378 -3.94 17.89 7.44
CA ALA A 378 -3.14 19.09 7.56
C ALA A 378 -1.64 18.82 7.41
N GLN A 379 -1.15 17.70 7.94
CA GLN A 379 0.25 17.32 7.73
C GLN A 379 0.55 17.17 6.22
N LEU A 380 -0.32 16.46 5.53
CA LEU A 380 -0.07 16.15 4.13
C LEU A 380 -0.10 17.42 3.28
N ALA A 381 -1.04 18.31 3.61
CA ALA A 381 -1.16 19.56 2.87
C ALA A 381 0.01 20.52 3.12
N ASP A 382 0.70 20.37 4.25
CA ASP A 382 1.78 21.29 4.59
C ASP A 382 3.11 20.88 3.93
N ARG A 383 3.16 19.74 3.22
CA ARG A 383 4.44 19.27 2.63
C ARG A 383 4.94 20.21 1.54
N TYR A 384 6.24 20.20 1.28
CA TYR A 384 6.80 21.02 0.21
C TYR A 384 6.41 20.45 -1.14
N SER A 385 5.94 21.31 -2.03
CA SER A 385 5.52 20.90 -3.38
C SER A 385 6.67 21.06 -4.37
N LEU A 386 7.25 19.95 -4.79
CA LEU A 386 8.42 19.96 -5.64
C LEU A 386 8.12 20.36 -7.06
N SER A 387 9.02 21.15 -7.65
CA SER A 387 8.99 21.41 -9.08
C SER A 387 9.65 20.20 -9.72
N MET A 388 9.56 20.13 -11.03
CA MET A 388 10.09 19.00 -11.77
C MET A 388 11.64 19.04 -11.80
N GLU A 389 12.19 20.24 -11.85
CA GLU A 389 13.63 20.47 -11.79
C GLU A 389 14.20 19.94 -10.46
N GLU A 390 13.49 20.21 -9.36
CA GLU A 390 13.90 19.78 -8.04
C GLU A 390 13.79 18.28 -7.94
N TYR A 391 12.68 17.73 -8.43
CA TYR A 391 12.49 16.31 -8.34
C TYR A 391 13.63 15.57 -9.02
N GLU A 392 13.97 16.00 -10.22
CA GLU A 392 15.05 15.37 -10.96
C GLU A 392 16.41 15.55 -10.30
N GLN A 393 16.68 16.72 -9.73
CA GLN A 393 17.91 16.89 -8.95
C GLN A 393 17.89 15.89 -7.79
N LEU A 394 16.76 15.79 -7.14
CA LEU A 394 16.64 14.90 -5.99
C LEU A 394 16.99 13.47 -6.36
N LEU A 395 16.48 12.98 -7.49
CA LEU A 395 16.83 11.62 -7.96
C LEU A 395 18.33 11.47 -8.15
N TYR A 396 18.92 12.43 -8.84
CA TYR A 396 20.35 12.45 -9.06
C TYR A 396 21.11 12.41 -7.73
N HIS A 397 20.66 13.12 -6.72
CA HIS A 397 21.40 13.18 -5.44
C HIS A 397 21.18 11.98 -4.54
N SER A 398 20.12 11.23 -4.76
CA SER A 398 19.81 10.07 -3.91
C SER A 398 20.87 8.94 -3.99
N SER A 399 21.66 8.93 -5.06
CA SER A 399 22.78 8.01 -5.21
C SER A 399 23.80 8.01 -4.02
N ALA A 400 24.00 9.16 -3.39
CA ALA A 400 24.97 9.26 -2.32
C ALA A 400 24.58 8.48 -1.06
N VAL A 401 23.30 8.12 -0.91
CA VAL A 401 22.86 7.30 0.21
C VAL A 401 22.31 5.96 -0.28
N ALA A 402 22.91 5.37 -1.30
CA ALA A 402 22.45 4.07 -1.79
C ALA A 402 22.72 2.99 -0.74
N PHE A 403 22.09 1.83 -0.93
CA PHE A 403 22.26 0.72 -0.05
C PHE A 403 23.75 0.41 -0.05
N GLY A 404 24.31 0.13 1.13
CA GLY A 404 25.70 -0.26 1.22
C GLY A 404 26.68 0.88 1.43
N THR A 405 26.17 2.12 1.48
CA THR A 405 27.00 3.28 1.70
C THR A 405 27.69 3.21 3.07
N ARG A 406 28.99 3.39 3.07
CA ARG A 406 29.79 3.27 4.26
C ARG A 406 29.95 4.60 5.00
N ASN A 407 30.22 5.68 4.28
CA ASN A 407 30.38 7.01 4.87
C ASN A 407 29.72 8.06 4.02
N VAL A 408 28.91 8.91 4.64
CA VAL A 408 28.31 10.04 3.93
C VAL A 408 27.94 11.08 4.97
N THR A 409 28.02 12.35 4.58
CA THR A 409 27.70 13.49 5.44
C THR A 409 26.69 14.30 4.67
N LEU A 410 25.45 14.38 5.18
CA LEU A 410 24.37 14.93 4.38
C LEU A 410 24.41 16.45 4.41
N ASP A 411 24.11 17.05 3.26
CA ASP A 411 23.92 18.51 3.19
C ASP A 411 22.41 18.81 3.30
N TYR A 412 22.01 19.23 4.49
CA TYR A 412 20.63 19.63 4.77
C TYR A 412 20.16 20.79 3.91
N GLN A 413 21.08 21.58 3.39
CA GLN A 413 20.72 22.70 2.53
C GLN A 413 20.70 22.36 1.05
N LEU A 414 20.61 21.07 0.68
CA LEU A 414 20.36 20.69 -0.72
C LEU A 414 19.24 21.56 -1.32
N PHE A 415 18.09 21.61 -0.64
CA PHE A 415 16.95 22.47 -1.04
C PHE A 415 16.55 23.35 0.13
N PRO A 416 16.98 24.63 0.13
CA PRO A 416 16.74 25.44 1.32
C PRO A 416 15.27 25.56 1.68
N GLY A 417 14.39 25.71 0.69
CA GLY A 417 12.95 25.86 0.93
C GLY A 417 12.34 24.60 1.53
N VAL A 418 12.87 23.44 1.15
CA VAL A 418 12.39 22.20 1.75
C VAL A 418 12.82 22.16 3.22
N TRP A 419 14.05 22.58 3.50
CA TRP A 419 14.51 22.61 4.87
C TRP A 419 13.64 23.52 5.76
N LYS A 420 13.24 24.65 5.18
CA LYS A 420 12.38 25.59 5.89
C LYS A 420 11.11 24.93 6.42
N LYS A 421 10.58 23.96 5.68
CA LYS A 421 9.44 23.14 6.08
C LYS A 421 9.71 22.03 7.12
N ILE A 422 10.96 21.65 7.32
CA ILE A 422 11.28 20.60 8.27
C ILE A 422 11.75 21.15 9.63
N ALA A 423 12.55 22.22 9.60
CA ALA A 423 13.23 22.74 10.78
C ALA A 423 12.27 23.31 11.80
N GLY A 424 12.49 22.99 13.08
CA GLY A 424 11.62 23.47 14.14
C GLY A 424 10.38 22.61 14.34
N LYS A 425 10.18 21.56 13.55
CA LYS A 425 8.99 20.73 13.74
C LYS A 425 9.21 19.50 14.59
N GLY A 426 10.44 19.25 15.04
CA GLY A 426 10.70 18.02 15.80
C GLY A 426 10.73 16.73 14.97
N ARG A 427 11.33 16.81 13.81
CA ARG A 427 11.47 15.69 12.89
C ARG A 427 12.83 15.10 13.03
N LEU A 428 12.88 13.79 12.90
CA LEU A 428 14.16 13.11 12.77
C LEU A 428 14.60 13.12 11.31
N VAL A 429 15.90 13.36 11.12
CA VAL A 429 16.54 13.23 9.82
C VAL A 429 17.81 12.43 9.93
N LEU A 430 18.26 11.91 8.79
CA LEU A 430 19.55 11.20 8.68
C LEU A 430 20.65 12.22 8.51
N LYS A 431 21.56 12.29 9.49
CA LYS A 431 22.62 13.29 9.49
C LYS A 431 23.84 12.77 8.71
N ALA A 432 24.17 11.51 8.92
CA ALA A 432 25.44 10.94 8.41
C ALA A 432 25.40 9.44 8.50
N ILE A 433 26.27 8.82 7.71
CA ILE A 433 26.66 7.43 7.91
C ILE A 433 28.14 7.41 8.15
N LYS A 434 28.55 6.76 9.24
CA LYS A 434 29.95 6.68 9.58
C LYS A 434 30.30 5.25 9.86
N GLU A 435 31.14 4.69 9.00
CA GLU A 435 31.52 3.28 9.07
C GLU A 435 30.26 2.40 9.18
N PHE A 436 29.30 2.69 8.31
CA PHE A 436 28.01 1.99 8.20
C PHE A 436 27.07 2.33 9.32
N HIS A 437 27.52 3.07 10.34
CA HIS A 437 26.65 3.42 11.44
C HIS A 437 25.84 4.65 11.09
N ARG A 438 24.52 4.53 11.10
CA ARG A 438 23.67 5.66 10.71
C ARG A 438 23.44 6.56 11.92
N LYS A 439 23.62 7.86 11.70
CA LYS A 439 23.47 8.87 12.76
C LYS A 439 22.33 9.80 12.37
N TYR A 440 21.39 10.01 13.30
CA TYR A 440 20.19 10.78 13.07
C TYR A 440 20.18 11.95 14.04
N GLU A 441 19.38 12.95 13.74
CA GLU A 441 19.36 14.19 14.47
C GLU A 441 17.91 14.66 14.48
N TRP A 442 17.46 15.22 15.61
CA TRP A 442 16.18 15.92 15.70
C TRP A 442 16.40 17.36 15.23
N VAL A 443 15.52 17.86 14.38
CA VAL A 443 15.69 19.19 13.84
C VAL A 443 14.37 19.96 13.90
N MET B 25 -14.91 -22.43 -29.17
CA MET B 25 -13.90 -23.31 -28.54
C MET B 25 -12.55 -23.34 -29.29
N SER B 26 -12.40 -22.58 -30.38
CA SER B 26 -11.13 -22.55 -31.12
C SER B 26 -10.46 -21.17 -31.03
N LYS B 27 -9.23 -21.07 -31.57
CA LYS B 27 -8.47 -19.82 -31.51
C LYS B 27 -9.22 -18.65 -32.12
N GLU B 28 -9.66 -18.83 -33.35
CA GLU B 28 -10.27 -17.74 -34.12
C GLU B 28 -11.61 -17.39 -33.49
N GLN B 29 -12.27 -18.38 -32.92
CA GLN B 29 -13.52 -18.15 -32.21
C GLN B 29 -13.26 -17.29 -30.96
N VAL B 30 -12.25 -17.69 -30.19
CA VAL B 30 -11.86 -16.94 -28.98
C VAL B 30 -11.40 -15.53 -29.37
N LEU B 31 -10.51 -15.44 -30.36
CA LEU B 31 -10.01 -14.16 -30.86
C LEU B 31 -11.10 -13.18 -31.27
N LYS B 32 -12.26 -13.69 -31.68
CA LYS B 32 -13.41 -12.83 -31.90
C LYS B 32 -14.00 -12.32 -30.57
N ILE B 33 -14.10 -13.19 -29.57
CA ILE B 33 -14.57 -12.74 -28.24
C ILE B 33 -13.65 -11.67 -27.61
N ILE B 34 -12.34 -11.80 -27.84
CA ILE B 34 -11.33 -10.84 -27.35
C ILE B 34 -11.50 -9.48 -28.00
N LYS B 35 -11.79 -9.47 -29.29
CA LYS B 35 -11.99 -8.22 -30.03
C LYS B 35 -13.23 -7.49 -29.57
N LYS B 36 -14.29 -8.25 -29.31
CA LYS B 36 -15.53 -7.68 -28.84
C LYS B 36 -15.32 -6.90 -27.55
N TYR B 37 -14.77 -7.57 -26.54
CA TYR B 37 -14.59 -6.92 -25.27
C TYR B 37 -13.60 -5.77 -25.33
N THR B 38 -12.57 -5.92 -26.16
CA THR B 38 -11.62 -4.83 -26.40
C THR B 38 -12.27 -3.55 -26.93
N ARG B 39 -13.15 -3.71 -27.94
CA ARG B 39 -13.90 -2.60 -28.48
C ARG B 39 -14.83 -2.04 -27.42
N GLU B 40 -15.47 -2.94 -26.68
CA GLU B 40 -16.37 -2.55 -25.61
C GLU B 40 -15.67 -1.84 -24.44
N ILE B 41 -14.44 -2.22 -24.13
CA ILE B 41 -13.66 -1.51 -23.11
C ILE B 41 -13.03 -0.25 -23.67
N ALA B 42 -12.64 -0.28 -24.95
CA ALA B 42 -12.00 0.87 -25.58
C ALA B 42 -12.80 1.19 -26.84
N PRO B 43 -13.87 2.02 -26.69
CA PRO B 43 -14.85 2.27 -27.75
C PRO B 43 -14.33 2.92 -29.02
N GLU B 44 -13.27 3.72 -28.92
CA GLU B 44 -12.68 4.36 -30.10
C GLU B 44 -12.05 3.37 -31.07
N LEU B 45 -11.88 2.11 -30.65
CA LEU B 45 -11.41 1.03 -31.53
C LEU B 45 -12.55 0.27 -32.20
N GLU B 46 -13.79 0.73 -32.02
CA GLU B 46 -14.99 0.08 -32.57
C GLU B 46 -14.90 -0.19 -34.08
N ASP B 47 -14.39 0.77 -34.84
CA ASP B 47 -14.29 0.62 -36.29
C ASP B 47 -12.89 0.25 -36.73
N SER B 48 -11.97 0.10 -35.78
CA SER B 48 -10.57 -0.11 -36.11
C SER B 48 -10.28 -1.57 -36.45
N PRO B 49 -9.45 -1.80 -37.49
CA PRO B 49 -9.06 -3.16 -37.84
C PRO B 49 -8.14 -3.74 -36.78
N LEU B 50 -8.42 -4.95 -36.33
CA LEU B 50 -7.65 -5.58 -35.25
C LEU B 50 -6.98 -6.88 -35.71
N GLU B 51 -5.65 -6.86 -35.75
CA GLU B 51 -4.85 -8.01 -36.18
C GLU B 51 -4.48 -8.91 -35.01
N PRO B 52 -4.17 -10.18 -35.29
CA PRO B 52 -3.61 -11.04 -34.24
C PRO B 52 -2.25 -10.49 -33.71
N THR B 53 -1.61 -9.65 -34.52
CA THR B 53 -0.32 -9.05 -34.16
C THR B 53 -0.45 -7.83 -33.21
N ASP B 54 -1.68 -7.37 -32.98
CA ASP B 54 -1.91 -6.17 -32.15
C ASP B 54 -1.78 -6.44 -30.65
N SER B 55 -1.07 -5.55 -29.97
CA SER B 55 -0.94 -5.61 -28.51
C SER B 55 -1.94 -4.64 -27.87
N LEU B 56 -2.75 -5.16 -26.96
CA LEU B 56 -3.65 -4.33 -26.15
C LEU B 56 -2.91 -3.13 -25.58
N LYS B 57 -1.69 -3.37 -25.09
CA LYS B 57 -0.85 -2.32 -24.54
C LYS B 57 -0.55 -1.22 -25.55
N LYS B 58 -0.12 -1.60 -26.74
CA LYS B 58 0.20 -0.60 -27.77
C LYS B 58 -1.03 0.08 -28.37
N LEU B 59 -2.22 -0.47 -28.11
CA LEU B 59 -3.47 0.03 -28.71
C LEU B 59 -4.14 1.34 -28.20
N GLY B 60 -3.79 1.95 -27.07
CA GLY B 60 -3.02 1.40 -26.00
C GLY B 60 -3.89 1.44 -24.74
N ILE B 61 -4.19 0.27 -24.23
CA ILE B 61 -5.17 0.04 -23.19
C ILE B 61 -4.38 -0.19 -21.89
N ASP B 62 -4.74 0.52 -20.81
CA ASP B 62 -3.94 0.48 -19.57
C ASP B 62 -4.12 -0.84 -18.82
N SER B 63 -3.29 -1.09 -17.81
CA SER B 63 -3.25 -2.42 -17.22
C SER B 63 -4.59 -2.81 -16.57
N VAL B 64 -5.24 -1.87 -15.90
CA VAL B 64 -6.54 -2.18 -15.27
C VAL B 64 -7.53 -2.66 -16.34
N ASN B 65 -7.61 -1.97 -17.48
CA ASN B 65 -8.49 -2.39 -18.56
C ASN B 65 -8.07 -3.65 -19.32
N ARG B 66 -6.76 -3.90 -19.44
CA ARG B 66 -6.30 -5.20 -20.03
C ARG B 66 -6.80 -6.34 -19.15
N ALA B 67 -6.66 -6.19 -17.83
CA ALA B 67 -7.14 -7.23 -16.91
C ALA B 67 -8.65 -7.39 -17.03
N GLU B 68 -9.33 -6.25 -17.16
CA GLU B 68 -10.78 -6.23 -17.28
C GLU B 68 -11.25 -7.01 -18.52
N ILE B 69 -10.55 -6.82 -19.65
CA ILE B 69 -10.88 -7.58 -20.87
C ILE B 69 -10.69 -9.06 -20.62
N ILE B 70 -9.54 -9.42 -20.06
CA ILE B 70 -9.26 -10.81 -19.74
C ILE B 70 -10.36 -11.41 -18.88
N MET B 71 -10.78 -10.72 -17.83
CA MET B 71 -11.82 -11.27 -16.95
C MET B 71 -13.19 -11.34 -17.66
N MET B 72 -13.45 -10.44 -18.60
CA MET B 72 -14.70 -10.52 -19.36
C MET B 72 -14.69 -11.72 -20.29
N VAL B 73 -13.54 -12.00 -20.91
CA VAL B 73 -13.42 -13.16 -21.77
C VAL B 73 -13.54 -14.44 -20.94
N MET B 74 -12.88 -14.49 -19.79
CA MET B 74 -12.96 -15.66 -18.91
C MET B 74 -14.39 -15.98 -18.56
N GLU B 75 -15.15 -14.95 -18.20
CA GLU B 75 -16.52 -15.13 -17.78
C GLU B 75 -17.43 -15.46 -18.97
N ASP B 76 -17.06 -14.96 -20.14
CA ASP B 76 -17.73 -15.26 -21.42
C ASP B 76 -17.66 -16.76 -21.72
N LEU B 77 -16.50 -17.36 -21.47
CA LEU B 77 -16.30 -18.79 -21.69
C LEU B 77 -16.54 -19.54 -20.38
N SER B 78 -17.24 -18.90 -19.44
CA SER B 78 -17.29 -19.40 -18.05
C SER B 78 -16.05 -20.24 -17.66
N LEU B 79 -14.87 -19.63 -17.68
CA LEU B 79 -13.64 -20.35 -17.49
C LEU B 79 -13.07 -19.97 -16.14
N ASN B 80 -13.24 -20.88 -15.19
CA ASN B 80 -12.96 -20.58 -13.81
C ASN B 80 -11.60 -21.10 -13.36
N ILE B 81 -10.57 -20.34 -13.67
CA ILE B 81 -9.20 -20.72 -13.35
C ILE B 81 -8.50 -19.50 -12.78
N PRO B 82 -7.30 -19.69 -12.25
CA PRO B 82 -6.62 -18.47 -11.82
C PRO B 82 -6.40 -17.50 -12.97
N ARG B 83 -6.69 -16.23 -12.72
CA ARG B 83 -6.45 -15.19 -13.69
C ARG B 83 -4.98 -15.09 -14.15
N ILE B 84 -4.02 -15.46 -13.29
CA ILE B 84 -2.60 -15.36 -13.68
C ILE B 84 -2.23 -16.30 -14.82
N GLU B 85 -3.02 -17.36 -15.03
CA GLU B 85 -2.79 -18.24 -16.17
C GLU B 85 -3.01 -17.59 -17.54
N LEU B 86 -3.60 -16.39 -17.57
CA LEU B 86 -3.78 -15.65 -18.81
C LEU B 86 -2.79 -14.52 -19.00
N ALA B 87 -1.80 -14.44 -18.11
CA ALA B 87 -0.72 -13.44 -18.22
C ALA B 87 0.31 -13.89 -19.25
N GLY B 88 1.11 -12.95 -19.73
CA GLY B 88 2.27 -13.28 -20.56
C GLY B 88 2.05 -13.28 -22.06
N ALA B 89 0.84 -12.92 -22.50
CA ALA B 89 0.56 -12.83 -23.92
C ALA B 89 1.04 -11.48 -24.46
N LYS B 90 1.87 -11.51 -25.49
CA LYS B 90 2.43 -10.29 -26.07
C LYS B 90 1.55 -9.64 -27.13
N ASN B 91 0.48 -10.32 -27.54
CA ASN B 91 -0.53 -9.73 -28.41
C ASN B 91 -1.83 -10.49 -28.28
N ILE B 92 -2.90 -10.01 -28.91
CA ILE B 92 -4.23 -10.62 -28.75
C ILE B 92 -4.35 -11.99 -29.42
N GLY B 93 -3.48 -12.27 -30.38
CA GLY B 93 -3.39 -13.58 -31.00
C GLY B 93 -2.84 -14.58 -30.00
N GLU B 94 -1.68 -14.27 -29.44
CA GLU B 94 -1.07 -15.12 -28.42
C GLU B 94 -2.00 -15.34 -27.22
N LEU B 95 -2.81 -14.33 -26.90
CA LEU B 95 -3.83 -14.43 -25.85
C LEU B 95 -5.00 -15.32 -26.24
N ALA B 96 -5.32 -15.34 -27.53
CA ALA B 96 -6.35 -16.24 -28.05
C ALA B 96 -5.90 -17.70 -27.88
N ASP B 97 -4.64 -17.98 -28.23
CA ASP B 97 -4.04 -19.32 -28.07
C ASP B 97 -4.09 -19.79 -26.63
N LEU B 98 -3.70 -18.87 -25.75
CA LEU B 98 -3.59 -19.11 -24.33
C LEU B 98 -4.95 -19.52 -23.80
N PHE B 99 -5.98 -18.79 -24.20
CA PHE B 99 -7.36 -19.10 -23.82
C PHE B 99 -7.78 -20.43 -24.42
N ALA B 100 -7.50 -20.62 -25.71
CA ALA B 100 -7.88 -21.84 -26.43
C ALA B 100 -7.42 -23.10 -25.70
N ALA B 101 -6.22 -23.05 -25.16
CA ALA B 101 -5.63 -24.20 -24.47
C ALA B 101 -6.25 -24.58 -23.11
N LYS B 102 -7.26 -23.86 -22.61
CA LYS B 102 -7.84 -24.13 -21.27
C LYS B 102 -9.25 -24.72 -21.29
#